data_3TEI
#
_entry.id   3TEI
#
_cell.length_a   41.700
_cell.length_b   58.980
_cell.length_c   155.730
_cell.angle_alpha   90.00
_cell.angle_beta   90.00
_cell.angle_gamma   90.00
#
_symmetry.space_group_name_H-M   'P 21 21 21'
#
loop_
_entity.id
_entity.type
_entity.pdbx_description
1 polymer 'Mitogen-activated protein kinase 1'
2 polymer 'Ribosomal protein S6 kinase alpha-1'
3 non-polymer 'PHOSPHOAMINOPHOSPHONIC ACID-ADENYLATE ESTER'
4 water water
#
loop_
_entity_poly.entity_id
_entity_poly.type
_entity_poly.pdbx_seq_one_letter_code
_entity_poly.pdbx_strand_id
1 'polypeptide(L)'
;GSMAAAAAAGAGPEMVRGQVFDVGPRYTNLSYIGEGAYGMVCSAYDNVNKVRVAIKKISPFEHQTYCQRTLREIKILLAF
RHENIIGINDIIRAPTIEQMKDVYIVQDLMETDLYKLLKTQHLSNDHICYFLYQILRGLKYIHSANVLHRDLKPSNLLLN
TTCDLKICDFGLARVADPDHDHTGFLTEYVATRWYRAPEIMLNSKGYTKSIDIWSVGCILAEMLSNRPIFPGKHYLDQLN
HILGILGSPSQEDLNCIINLKARNYLLSLPHKNKVPWNRLFPNADSKALDLLDKMLTFNPHKRIEVEQALAHPYLAQYYD
PSDEPIAEAPFKFDMELDDLPKEKLKELIFEETARFQPGYRS
;
A
2 'polypeptide(L)' PQLKPIESSILAQRRVRKLPSTTL B
#
loop_
_chem_comp.id
_chem_comp.type
_chem_comp.name
_chem_comp.formula
ANP non-polymer 'PHOSPHOAMINOPHOSPHONIC ACID-ADENYLATE ESTER' 'C10 H17 N6 O12 P3'
#
# COMPACT_ATOMS: atom_id res chain seq x y z
N GLY A 12 27.51 -12.97 19.65
CA GLY A 12 26.72 -12.00 20.40
C GLY A 12 25.51 -11.44 19.62
N PRO A 13 24.66 -12.32 19.07
CA PRO A 13 23.51 -11.77 18.32
C PRO A 13 22.47 -11.18 19.26
N GLU A 14 21.87 -10.05 18.86
CA GLU A 14 20.93 -9.36 19.74
C GLU A 14 19.52 -9.93 19.66
N MET A 15 18.83 -9.91 20.80
CA MET A 15 17.53 -10.55 20.96
C MET A 15 16.42 -9.51 21.17
N VAL A 16 15.25 -9.77 20.60
CA VAL A 16 14.09 -8.91 20.83
C VAL A 16 12.87 -9.78 21.04
N ARG A 17 12.28 -9.69 22.23
CA ARG A 17 11.16 -10.55 22.63
C ARG A 17 11.47 -12.03 22.40
N GLY A 18 12.65 -12.46 22.86
CA GLY A 18 13.05 -13.85 22.72
C GLY A 18 13.24 -14.27 21.29
N GLN A 19 13.47 -13.31 20.40
CA GLN A 19 13.71 -13.57 19.00
C GLN A 19 15.03 -12.95 18.55
N VAL A 20 15.91 -13.80 18.01
CA VAL A 20 17.21 -13.34 17.58
C VAL A 20 17.04 -12.36 16.42
N PHE A 21 17.66 -11.19 16.56
CA PHE A 21 17.78 -10.26 15.46
C PHE A 21 19.27 -10.18 15.17
N ASP A 22 19.75 -10.81 14.10
CA ASP A 22 21.19 -10.77 13.94
C ASP A 22 21.48 -9.71 12.89
N VAL A 23 21.56 -8.46 13.35
CA VAL A 23 21.86 -7.30 12.52
C VAL A 23 23.18 -6.57 12.80
N GLY A 24 23.88 -7.00 13.84
CA GLY A 24 25.04 -6.26 14.30
C GLY A 24 26.33 -6.72 13.67
N PRO A 25 27.44 -6.02 13.95
CA PRO A 25 27.62 -4.81 14.78
C PRO A 25 27.12 -3.49 14.20
N ARG A 26 26.84 -3.44 12.89
CA ARG A 26 26.43 -2.18 12.25
C ARG A 26 25.15 -1.61 12.84
N TYR A 27 24.14 -2.46 13.01
CA TYR A 27 22.87 -2.00 13.54
C TYR A 27 22.70 -2.46 15.00
N THR A 28 22.46 -1.51 15.89
CA THR A 28 22.31 -1.81 17.31
C THR A 28 21.11 -1.07 17.89
N ASN A 29 20.92 -1.20 19.20
CA ASN A 29 19.85 -0.51 19.92
C ASN A 29 18.45 -0.84 19.39
N LEU A 30 18.17 -2.13 19.28
CA LEU A 30 16.92 -2.59 18.70
C LEU A 30 15.71 -2.35 19.62
N SER A 31 14.63 -1.83 19.03
CA SER A 31 13.38 -1.67 19.76
C SER A 31 12.20 -2.15 18.94
N TYR A 32 11.47 -3.10 19.50
CA TYR A 32 10.31 -3.69 18.86
C TYR A 32 9.31 -2.61 18.43
N ILE A 33 8.88 -2.70 17.17
CA ILE A 33 7.85 -1.82 16.63
C ILE A 33 6.53 -2.56 16.52
N GLY A 34 6.52 -3.64 15.75
CA GLY A 34 5.33 -4.44 15.61
C GLY A 34 5.53 -5.75 14.86
N GLU A 35 4.42 -6.45 14.64
CA GLU A 35 4.39 -7.72 13.94
C GLU A 35 3.70 -7.45 12.62
N GLY A 36 3.94 -8.32 11.66
CA GLY A 36 3.49 -8.09 10.31
C GLY A 36 3.52 -9.44 9.65
N ALA A 37 3.47 -9.47 8.32
CA ALA A 37 3.39 -10.76 7.65
C ALA A 37 4.76 -11.42 7.80
N TYR A 38 4.74 -12.58 8.46
CA TYR A 38 5.93 -13.42 8.68
C TYR A 38 7.09 -12.78 9.45
N GLY A 39 7.00 -11.50 9.79
CA GLY A 39 8.14 -10.88 10.45
C GLY A 39 8.00 -9.69 11.39
N MET A 40 8.97 -9.62 12.28
CA MET A 40 9.01 -8.60 13.30
C MET A 40 9.79 -7.39 12.80
N VAL A 41 9.26 -6.20 13.06
CA VAL A 41 9.93 -4.97 12.70
C VAL A 41 10.46 -4.29 13.96
N CYS A 42 11.66 -3.72 13.85
CA CYS A 42 12.30 -2.98 14.94
C CYS A 42 12.90 -1.66 14.45
N SER A 43 12.92 -0.67 15.32
CA SER A 43 13.79 0.49 15.12
C SER A 43 15.18 0.09 15.58
N ALA A 44 16.21 0.66 14.96
CA ALA A 44 17.58 0.37 15.31
C ALA A 44 18.43 1.60 15.01
N TYR A 45 19.65 1.63 15.54
CA TYR A 45 20.60 2.67 15.15
C TYR A 45 21.62 2.10 14.19
N ASP A 46 21.80 2.76 13.06
CA ASP A 46 22.85 2.38 12.12
C ASP A 46 24.11 3.14 12.56
N ASN A 47 25.10 2.41 13.06
CA ASN A 47 26.32 3.02 13.59
C ASN A 47 27.28 3.51 12.50
N VAL A 48 27.15 2.94 11.31
CA VAL A 48 28.01 3.33 10.20
C VAL A 48 27.58 4.68 9.61
N ASN A 49 26.30 4.82 9.33
CA ASN A 49 25.79 6.07 8.77
C ASN A 49 25.20 7.03 9.80
N LYS A 50 25.20 6.63 11.08
CA LYS A 50 24.74 7.48 12.18
C LYS A 50 23.33 7.97 11.98
N VAL A 51 22.42 7.02 11.79
CA VAL A 51 21.05 7.35 11.45
C VAL A 51 20.17 6.27 12.10
N ARG A 52 18.90 6.60 12.34
CA ARG A 52 17.94 5.61 12.83
C ARG A 52 17.22 4.93 11.67
N VAL A 53 17.01 3.63 11.78
CA VAL A 53 16.37 2.86 10.73
C VAL A 53 15.27 1.95 11.26
N ALA A 54 14.46 1.42 10.34
CA ALA A 54 13.57 0.32 10.65
C ALA A 54 14.17 -0.93 10.03
N ILE A 55 14.06 -2.05 10.72
CA ILE A 55 14.56 -3.31 10.20
C ILE A 55 13.47 -4.37 10.28
N LYS A 56 13.09 -4.92 9.13
CA LYS A 56 12.13 -5.99 9.08
C LYS A 56 12.84 -7.35 9.03
N LYS A 57 12.63 -8.17 10.05
CA LYS A 57 13.13 -9.54 9.99
C LYS A 57 12.14 -10.40 9.21
N ILE A 58 12.62 -11.06 8.16
CA ILE A 58 11.74 -11.90 7.36
C ILE A 58 12.26 -13.33 7.33
N SER A 59 11.38 -14.28 7.65
CA SER A 59 11.69 -15.70 7.58
C SER A 59 10.72 -16.41 6.64
N PRO A 60 10.81 -16.13 5.33
CA PRO A 60 9.90 -16.62 4.29
C PRO A 60 10.05 -18.09 3.85
N PHE A 61 11.20 -18.70 4.13
CA PHE A 61 11.65 -19.86 3.36
C PHE A 61 10.90 -21.18 3.53
N GLU A 62 9.99 -21.25 4.51
CA GLU A 62 9.21 -22.47 4.72
C GLU A 62 7.96 -22.46 3.87
N HIS A 63 7.61 -21.30 3.33
CA HIS A 63 6.38 -21.15 2.55
C HIS A 63 6.60 -20.48 1.19
N GLN A 64 6.15 -21.15 0.14
CA GLN A 64 6.29 -20.65 -1.23
C GLN A 64 5.67 -19.26 -1.35
N THR A 65 4.49 -19.10 -0.79
CA THR A 65 3.76 -17.85 -0.83
C THR A 65 4.53 -16.73 -0.18
N TYR A 66 5.17 -17.05 0.95
CA TYR A 66 5.98 -16.07 1.68
C TYR A 66 7.20 -15.67 0.86
N CYS A 67 7.83 -16.66 0.24
CA CYS A 67 8.97 -16.45 -0.63
C CYS A 67 8.60 -15.55 -1.79
N GLN A 68 7.41 -15.78 -2.33
CA GLN A 68 6.90 -14.99 -3.44
C GLN A 68 6.81 -13.52 -3.02
N ARG A 69 6.08 -13.25 -1.96
CA ARG A 69 5.92 -11.89 -1.45
C ARG A 69 7.26 -11.19 -1.13
N THR A 70 8.25 -11.95 -0.68
CA THR A 70 9.55 -11.37 -0.31
C THR A 70 10.34 -10.95 -1.54
N LEU A 71 10.45 -11.85 -2.51
CA LEU A 71 11.11 -11.54 -3.76
C LEU A 71 10.49 -10.33 -4.48
N ARG A 72 9.16 -10.33 -4.63
CA ARG A 72 8.48 -9.21 -5.29
C ARG A 72 8.78 -7.90 -4.59
N GLU A 73 8.64 -7.91 -3.27
CA GLU A 73 8.87 -6.73 -2.45
C GLU A 73 10.28 -6.21 -2.67
N ILE A 74 11.27 -7.08 -2.52
CA ILE A 74 12.66 -6.67 -2.70
C ILE A 74 12.91 -6.14 -4.10
N LYS A 75 12.43 -6.85 -5.11
CA LYS A 75 12.62 -6.45 -6.51
C LYS A 75 12.01 -5.08 -6.83
N ILE A 76 10.78 -4.87 -6.40
CA ILE A 76 10.09 -3.61 -6.68
C ILE A 76 10.65 -2.40 -5.93
N LEU A 77 10.87 -2.55 -4.62
CA LEU A 77 11.39 -1.46 -3.81
C LEU A 77 12.80 -1.05 -4.20
N LEU A 78 13.58 -2.01 -4.72
CA LEU A 78 14.95 -1.71 -5.15
C LEU A 78 14.94 -1.00 -6.49
N ALA A 79 13.94 -1.29 -7.32
CA ALA A 79 13.80 -0.64 -8.62
C ALA A 79 13.16 0.74 -8.48
N PHE A 80 12.30 0.89 -7.47
CA PHE A 80 11.59 2.15 -7.27
C PHE A 80 12.43 3.21 -6.55
N ARG A 81 12.35 4.44 -7.04
CA ARG A 81 12.91 5.58 -6.36
C ARG A 81 11.85 6.68 -6.40
N HIS A 82 11.29 6.99 -5.24
CA HIS A 82 10.30 8.06 -5.13
C HIS A 82 10.21 8.56 -3.68
N GLU A 83 9.84 9.82 -3.51
CA GLU A 83 9.71 10.41 -2.18
C GLU A 83 8.65 9.74 -1.35
N ASN A 84 7.56 9.37 -2.01
CA ASN A 84 6.37 8.83 -1.37
C ASN A 84 6.30 7.31 -1.33
N ILE A 85 7.37 6.66 -1.73
CA ILE A 85 7.46 5.21 -1.65
C ILE A 85 8.66 4.83 -0.80
N ILE A 86 8.45 3.96 0.19
CA ILE A 86 9.54 3.55 1.06
C ILE A 86 10.65 2.88 0.25
N GLY A 87 11.90 3.12 0.63
CA GLY A 87 13.01 2.49 -0.04
C GLY A 87 13.60 1.36 0.78
N ILE A 88 14.50 0.60 0.17
CA ILE A 88 15.31 -0.38 0.88
C ILE A 88 16.74 0.14 0.97
N ASN A 89 17.22 0.36 2.19
CA ASN A 89 18.56 0.89 2.41
C ASN A 89 19.64 -0.18 2.33
N ASP A 90 19.34 -1.34 2.88
CA ASP A 90 20.31 -2.41 3.03
C ASP A 90 19.54 -3.71 3.25
N ILE A 91 20.15 -4.84 2.96
CA ILE A 91 19.57 -6.14 3.25
C ILE A 91 20.63 -7.05 3.84
N ILE A 92 20.34 -7.61 5.01
CA ILE A 92 21.27 -8.50 5.69
C ILE A 92 20.85 -9.96 5.57
N ARG A 93 21.79 -10.83 5.21
CA ARG A 93 21.57 -12.27 5.25
C ARG A 93 22.87 -13.06 5.30
N ALA A 94 22.77 -14.34 5.66
CA ALA A 94 23.93 -15.21 5.77
C ALA A 94 24.72 -15.28 4.47
N PRO A 95 26.06 -15.44 4.57
CA PRO A 95 26.96 -15.47 3.42
C PRO A 95 26.80 -16.70 2.51
N THR A 96 26.14 -17.75 2.99
CA THR A 96 25.82 -18.91 2.15
C THR A 96 24.31 -19.17 2.18
N ILE A 97 23.81 -19.85 1.17
CA ILE A 97 22.39 -20.08 1.05
C ILE A 97 21.87 -21.10 2.08
N GLU A 98 22.70 -22.08 2.42
CA GLU A 98 22.34 -23.06 3.45
C GLU A 98 22.22 -22.41 4.82
N GLN A 99 23.00 -21.35 5.03
CA GLN A 99 23.01 -20.65 6.30
C GLN A 99 21.92 -19.59 6.40
N MET A 100 21.23 -19.30 5.29
CA MET A 100 20.28 -18.20 5.32
C MET A 100 18.91 -18.73 5.69
N LYS A 101 18.51 -18.48 6.94
CA LYS A 101 17.15 -18.80 7.38
C LYS A 101 16.26 -17.57 7.50
N ASP A 102 16.87 -16.39 7.35
CA ASP A 102 16.19 -15.12 7.60
C ASP A 102 16.78 -14.09 6.66
N VAL A 103 15.95 -13.11 6.32
CA VAL A 103 16.41 -11.94 5.56
C VAL A 103 16.03 -10.69 6.36
N TYR A 104 16.99 -9.77 6.51
CA TYR A 104 16.72 -8.55 7.26
C TYR A 104 16.71 -7.36 6.34
N ILE A 105 15.57 -6.70 6.24
CA ILE A 105 15.41 -5.56 5.35
C ILE A 105 15.49 -4.24 6.13
N VAL A 106 16.47 -3.41 5.78
CA VAL A 106 16.67 -2.14 6.46
C VAL A 106 16.03 -1.00 5.67
N GLN A 107 15.18 -0.23 6.32
CA GLN A 107 14.51 0.88 5.69
C GLN A 107 14.63 2.14 6.54
N ASP A 108 14.27 3.27 5.95
CA ASP A 108 14.15 4.51 6.71
C ASP A 108 13.14 4.30 7.81
N LEU A 109 13.45 4.81 9.00
CA LEU A 109 12.51 4.73 10.10
C LEU A 109 11.47 5.83 10.02
N MET A 110 10.21 5.40 9.94
CA MET A 110 9.07 6.29 9.94
C MET A 110 8.43 6.22 11.33
N GLU A 111 7.81 7.30 11.77
CA GLU A 111 7.31 7.35 13.13
C GLU A 111 6.08 6.46 13.38
N THR A 112 5.23 6.29 12.38
CA THR A 112 4.00 5.53 12.55
C THR A 112 3.40 5.16 11.20
N ASP A 113 2.23 4.53 11.20
CA ASP A 113 1.48 4.34 9.97
C ASP A 113 0.06 4.84 10.12
N LEU A 114 -0.63 5.07 9.00
CA LEU A 114 -1.97 5.67 9.02
C LEU A 114 -2.99 4.88 9.84
N TYR A 115 -2.89 3.56 9.79
CA TYR A 115 -3.74 2.71 10.61
C TYR A 115 -3.53 2.99 12.10
N LYS A 116 -2.28 3.07 12.53
CA LYS A 116 -1.97 3.34 13.93
C LYS A 116 -2.40 4.74 14.34
N LEU A 117 -2.16 5.70 13.46
CA LEU A 117 -2.50 7.09 13.73
C LEU A 117 -4.01 7.27 13.91
N LEU A 118 -4.79 6.59 13.06
CA LEU A 118 -6.25 6.74 13.10
C LEU A 118 -6.91 6.12 14.32
N LYS A 119 -6.19 5.27 15.03
CA LYS A 119 -6.71 4.72 16.28
C LYS A 119 -6.69 5.79 17.37
N THR A 120 -5.59 6.54 17.44
CA THR A 120 -5.43 7.57 18.45
C THR A 120 -6.02 8.94 18.11
N GLN A 121 -6.19 9.25 16.84
CA GLN A 121 -6.34 10.66 16.45
C GLN A 121 -7.35 10.95 15.33
N HIS A 122 -8.09 12.04 15.51
CA HIS A 122 -8.96 12.55 14.45
C HIS A 122 -8.15 13.48 13.56
N LEU A 123 -8.39 13.40 12.25
CA LEU A 123 -7.61 14.19 11.31
C LEU A 123 -8.33 15.46 10.86
N SER A 124 -7.61 16.57 10.90
CA SER A 124 -8.09 17.82 10.32
C SER A 124 -8.27 17.60 8.82
N ASN A 125 -9.21 18.32 8.22
CA ASN A 125 -9.41 18.20 6.78
C ASN A 125 -8.18 18.68 6.00
N ASP A 126 -7.33 19.45 6.68
CA ASP A 126 -6.06 19.88 6.11
C ASP A 126 -5.11 18.71 5.93
N HIS A 127 -4.91 17.94 7.00
CA HIS A 127 -4.02 16.79 6.96
C HIS A 127 -4.55 15.69 6.07
N ILE A 128 -5.87 15.53 6.04
CA ILE A 128 -6.52 14.58 5.17
C ILE A 128 -6.20 14.87 3.71
N CYS A 129 -6.35 16.14 3.32
CA CYS A 129 -6.09 16.58 1.96
C CYS A 129 -4.63 16.35 1.56
N TYR A 130 -3.69 16.75 2.42
CA TYR A 130 -2.28 16.60 2.12
C TYR A 130 -1.83 15.14 2.07
N PHE A 131 -2.33 14.33 2.99
CA PHE A 131 -2.04 12.89 2.98
C PHE A 131 -2.52 12.27 1.67
N LEU A 132 -3.73 12.65 1.26
CA LEU A 132 -4.31 12.12 0.03
C LEU A 132 -3.45 12.45 -1.19
N TYR A 133 -2.88 13.65 -1.19
CA TYR A 133 -2.06 14.08 -2.31
C TYR A 133 -0.79 13.23 -2.44
N GLN A 134 -0.19 12.91 -1.30
CA GLN A 134 1.03 12.11 -1.31
C GLN A 134 0.75 10.67 -1.75
N ILE A 135 -0.39 10.13 -1.33
CA ILE A 135 -0.80 8.78 -1.72
C ILE A 135 -0.92 8.70 -3.24
N LEU A 136 -1.60 9.68 -3.82
CA LEU A 136 -1.81 9.74 -5.26
C LEU A 136 -0.52 10.06 -6.01
N ARG A 137 0.33 10.87 -5.39
CA ARG A 137 1.61 11.23 -5.99
C ARG A 137 2.53 10.02 -6.06
N GLY A 138 2.54 9.22 -5.00
CA GLY A 138 3.28 7.98 -5.01
C GLY A 138 2.68 7.01 -6.00
N LEU A 139 1.35 6.96 -6.05
CA LEU A 139 0.65 6.00 -6.90
C LEU A 139 0.82 6.31 -8.38
N LYS A 140 0.89 7.59 -8.71
CA LYS A 140 1.15 8.01 -10.08
C LYS A 140 2.44 7.40 -10.60
N TYR A 141 3.45 7.41 -9.74
CA TYR A 141 4.74 6.82 -10.07
C TYR A 141 4.61 5.31 -10.25
N ILE A 142 3.93 4.67 -9.31
CA ILE A 142 3.70 3.23 -9.32
C ILE A 142 3.01 2.80 -10.62
N HIS A 143 1.95 3.51 -10.99
CA HIS A 143 1.19 3.21 -12.19
C HIS A 143 1.94 3.54 -13.49
N SER A 144 2.91 4.44 -13.41
CA SER A 144 3.71 4.78 -14.58
C SER A 144 4.65 3.63 -14.91
N ALA A 145 5.07 2.90 -13.88
CA ALA A 145 5.92 1.74 -14.06
C ALA A 145 5.04 0.57 -14.47
N ASN A 146 3.75 0.85 -14.60
CA ASN A 146 2.74 -0.13 -14.95
C ASN A 146 2.65 -1.24 -13.92
N VAL A 147 2.82 -0.85 -12.66
CA VAL A 147 2.75 -1.76 -11.54
C VAL A 147 1.46 -1.49 -10.77
N LEU A 148 0.82 -2.55 -10.31
CA LEU A 148 -0.33 -2.43 -9.43
C LEU A 148 0.12 -2.77 -8.03
N HIS A 149 -0.20 -1.92 -7.05
CA HIS A 149 0.13 -2.25 -5.66
C HIS A 149 -0.74 -3.40 -5.16
N ARG A 150 -2.05 -3.25 -5.33
CA ARG A 150 -3.05 -4.28 -5.03
C ARG A 150 -3.34 -4.51 -3.54
N ASP A 151 -2.46 -4.06 -2.66
CA ASP A 151 -2.71 -4.07 -1.22
C ASP A 151 -3.00 -2.76 -0.45
N LEU A 152 -3.20 -1.65 -1.15
CA LEU A 152 -3.29 -0.35 -0.47
C LEU A 152 -4.30 -0.32 0.68
N LYS A 153 -3.83 0.06 1.86
CA LYS A 153 -4.67 0.19 3.06
C LYS A 153 -3.94 1.09 4.06
N PRO A 154 -4.60 1.47 5.17
CA PRO A 154 -3.91 2.45 6.02
C PRO A 154 -2.61 1.96 6.67
N SER A 155 -2.52 0.68 7.01
CA SER A 155 -1.29 0.18 7.62
C SER A 155 -0.12 0.15 6.63
N ASN A 156 -0.44 0.15 5.33
CA ASN A 156 0.60 0.21 4.29
C ASN A 156 1.07 1.63 3.99
N LEU A 157 0.55 2.61 4.72
CA LEU A 157 0.97 3.99 4.55
C LEU A 157 1.77 4.49 5.76
N LEU A 158 3.08 4.63 5.57
CA LEU A 158 3.98 5.06 6.63
C LEU A 158 4.01 6.60 6.78
N LEU A 159 4.18 7.08 8.01
CA LEU A 159 4.07 8.51 8.28
C LEU A 159 5.14 9.03 9.24
N ASN A 160 5.41 10.33 9.13
CA ASN A 160 6.19 11.09 10.11
C ASN A 160 5.32 12.19 10.72
N THR A 161 5.73 12.70 11.88
CA THR A 161 5.03 13.83 12.48
C THR A 161 5.16 15.08 11.62
N THR A 162 6.11 15.05 10.69
CA THR A 162 6.32 16.14 9.75
C THR A 162 5.35 16.02 8.58
N CYS A 163 4.46 15.03 8.68
CA CYS A 163 3.41 14.75 7.69
C CYS A 163 3.93 14.23 6.35
N ASP A 164 5.12 13.63 6.36
CA ASP A 164 5.63 12.98 5.17
C ASP A 164 5.05 11.58 5.11
N LEU A 165 4.52 11.19 3.96
CA LEU A 165 3.88 9.89 3.80
C LEU A 165 4.63 9.02 2.79
N LYS A 166 4.76 7.73 3.09
CA LYS A 166 5.38 6.80 2.14
C LYS A 166 4.57 5.51 2.05
N ILE A 167 4.40 5.02 0.82
CA ILE A 167 3.71 3.75 0.56
C ILE A 167 4.68 2.59 0.75
N CYS A 168 4.24 1.55 1.45
CA CYS A 168 5.10 0.38 1.67
C CYS A 168 4.39 -0.93 1.34
N ASP A 169 5.08 -2.04 1.58
CA ASP A 169 4.53 -3.39 1.42
C ASP A 169 4.02 -3.73 0.01
N PHE A 170 4.96 -3.98 -0.89
CA PHE A 170 4.70 -4.33 -2.28
C PHE A 170 4.66 -5.83 -2.56
N GLY A 171 4.64 -6.63 -1.49
CA GLY A 171 4.54 -8.07 -1.60
C GLY A 171 3.44 -8.64 -2.49
N LEU A 172 2.30 -7.95 -2.59
CA LEU A 172 1.21 -8.41 -3.45
C LEU A 172 1.18 -7.72 -4.81
N ALA A 173 2.14 -6.82 -5.02
CA ALA A 173 2.18 -6.04 -6.25
C ALA A 173 2.50 -6.90 -7.46
N ARG A 174 1.99 -6.48 -8.61
CA ARG A 174 2.30 -7.12 -9.88
C ARG A 174 2.06 -6.21 -11.05
N VAL A 175 2.63 -6.57 -12.21
CA VAL A 175 2.47 -5.81 -13.44
C VAL A 175 1.03 -5.83 -13.92
N ALA A 176 0.52 -4.68 -14.34
CA ALA A 176 -0.87 -4.59 -14.76
C ALA A 176 -1.13 -5.30 -16.09
N ASP A 177 -2.02 -6.29 -16.08
CA ASP A 177 -2.50 -6.89 -17.31
C ASP A 177 -4.00 -7.20 -17.25
N PRO A 178 -4.72 -6.83 -18.31
CA PRO A 178 -6.08 -7.23 -18.74
C PRO A 178 -6.10 -8.42 -19.70
N ASP A 179 -6.06 -9.66 -19.20
CA ASP A 179 -6.17 -9.98 -17.78
C ASP A 179 -5.54 -11.35 -17.59
N HIS A 180 -5.53 -11.83 -16.34
CA HIS A 180 -4.91 -13.12 -16.03
C HIS A 180 -5.49 -13.76 -14.79
N GLU A 188 -3.83 -16.80 -1.14
CA GLU A 188 -3.64 -15.45 -1.65
C GLU A 188 -4.28 -14.41 -0.73
N TYR A 189 -4.23 -14.65 0.57
CA TYR A 189 -4.85 -13.75 1.54
C TYR A 189 -3.83 -13.20 2.57
N VAL A 190 -3.83 -11.89 2.85
CA VAL A 190 -4.97 -10.95 2.81
C VAL A 190 -6.09 -11.19 3.85
N ALA A 191 -5.80 -10.78 5.07
CA ALA A 191 -6.81 -10.76 6.13
C ALA A 191 -8.10 -10.01 5.77
N THR A 192 -7.95 -8.82 5.17
CA THR A 192 -9.11 -7.95 4.88
C THR A 192 -9.49 -7.84 3.39
N ARG A 193 -10.78 -7.94 3.12
CA ARG A 193 -11.32 -7.62 1.80
C ARG A 193 -11.82 -6.18 1.77
N TRP A 194 -11.60 -5.44 2.86
CA TRP A 194 -12.22 -4.13 3.05
C TRP A 194 -11.83 -3.11 1.99
N TYR A 195 -10.60 -3.23 1.51
CA TYR A 195 -10.08 -2.29 0.52
C TYR A 195 -10.09 -2.81 -0.91
N ARG A 196 -10.65 -4.01 -1.11
CA ARG A 196 -10.66 -4.63 -2.43
C ARG A 196 -11.85 -4.20 -3.29
N ALA A 197 -11.54 -3.86 -4.54
CA ALA A 197 -12.53 -3.37 -5.50
C ALA A 197 -13.65 -4.39 -5.74
N PRO A 198 -14.86 -3.90 -6.04
CA PRO A 198 -15.99 -4.81 -6.31
C PRO A 198 -15.71 -5.78 -7.44
N GLU A 199 -14.98 -5.36 -8.48
CA GLU A 199 -14.74 -6.23 -9.64
C GLU A 199 -13.82 -7.40 -9.31
N ILE A 200 -13.05 -7.29 -8.25
CA ILE A 200 -12.20 -8.40 -7.82
C ILE A 200 -13.07 -9.54 -7.32
N MET A 201 -14.13 -9.20 -6.59
CA MET A 201 -15.12 -10.19 -6.18
C MET A 201 -15.84 -10.76 -7.40
N LEU A 202 -15.94 -9.96 -8.46
CA LEU A 202 -16.76 -10.31 -9.62
C LEU A 202 -15.98 -10.89 -10.82
N ASN A 203 -15.10 -10.08 -11.41
CA ASN A 203 -14.38 -10.45 -12.63
C ASN A 203 -13.57 -11.75 -12.53
N TYR A 207 -4.96 -7.26 -11.85
CA TYR A 207 -5.67 -6.99 -13.10
C TYR A 207 -5.42 -5.57 -13.62
N THR A 208 -6.17 -4.61 -13.09
CA THR A 208 -6.21 -3.27 -13.66
C THR A 208 -5.94 -2.14 -12.67
N LYS A 209 -5.39 -1.03 -13.18
CA LYS A 209 -5.05 0.13 -12.38
C LYS A 209 -6.21 0.67 -11.54
N SER A 210 -7.42 0.43 -12.02
CA SER A 210 -8.62 0.88 -11.33
C SER A 210 -8.75 0.35 -9.90
N ILE A 211 -8.18 -0.82 -9.65
CA ILE A 211 -8.35 -1.47 -8.34
C ILE A 211 -7.55 -0.76 -7.23
N ASP A 212 -6.49 -0.07 -7.62
CA ASP A 212 -5.72 0.71 -6.65
C ASP A 212 -6.46 1.98 -6.26
N ILE A 213 -7.23 2.51 -7.21
CA ILE A 213 -7.99 3.74 -6.98
C ILE A 213 -9.11 3.54 -5.98
N TRP A 214 -9.79 2.39 -6.09
CA TRP A 214 -10.84 2.01 -5.15
C TRP A 214 -10.26 1.97 -3.75
N SER A 215 -9.10 1.32 -3.62
CA SER A 215 -8.40 1.21 -2.35
C SER A 215 -8.16 2.60 -1.77
N VAL A 216 -7.68 3.52 -2.59
CA VAL A 216 -7.41 4.88 -2.16
C VAL A 216 -8.71 5.58 -1.78
N GLY A 217 -9.77 5.30 -2.53
CA GLY A 217 -11.08 5.81 -2.19
C GLY A 217 -11.48 5.36 -0.80
N CYS A 218 -11.24 4.08 -0.52
CA CYS A 218 -11.57 3.48 0.78
C CYS A 218 -10.75 4.09 1.93
N ILE A 219 -9.52 4.47 1.63
CA ILE A 219 -8.63 5.02 2.64
C ILE A 219 -9.05 6.44 2.98
N LEU A 220 -9.45 7.17 1.95
CA LEU A 220 -9.93 8.53 2.11
C LEU A 220 -11.18 8.55 2.99
N ALA A 221 -12.07 7.59 2.76
CA ALA A 221 -13.29 7.46 3.54
C ALA A 221 -12.95 7.17 5.00
N GLU A 222 -11.92 6.36 5.21
CA GLU A 222 -11.52 6.00 6.57
C GLU A 222 -10.89 7.17 7.33
N MET A 223 -10.19 8.06 6.63
CA MET A 223 -9.62 9.24 7.27
C MET A 223 -10.73 10.22 7.68
N LEU A 224 -11.81 10.22 6.92
CA LEU A 224 -12.96 11.09 7.19
C LEU A 224 -13.69 10.74 8.49
N SER A 225 -14.12 9.49 8.60
CA SER A 225 -14.88 9.07 9.78
C SER A 225 -14.09 8.29 10.83
N ASN A 226 -12.81 8.05 10.56
CA ASN A 226 -11.98 7.21 11.43
C ASN A 226 -12.47 5.76 11.55
N ARG A 227 -13.16 5.30 10.51
CA ARG A 227 -13.66 3.93 10.45
C ARG A 227 -13.60 3.44 9.01
N PRO A 228 -13.44 2.12 8.81
CA PRO A 228 -13.49 1.55 7.45
C PRO A 228 -14.90 1.65 6.88
N ILE A 229 -15.00 2.05 5.62
CA ILE A 229 -16.31 2.22 5.00
C ILE A 229 -17.01 0.90 4.67
N PHE A 230 -16.23 -0.13 4.30
CA PHE A 230 -16.81 -1.43 3.95
C PHE A 230 -16.17 -2.58 4.73
N PRO A 231 -16.44 -2.65 6.04
CA PRO A 231 -15.80 -3.70 6.85
C PRO A 231 -16.52 -5.06 6.79
N GLY A 232 -16.66 -5.61 5.59
CA GLY A 232 -17.31 -6.90 5.40
C GLY A 232 -16.60 -8.04 6.09
N LYS A 233 -17.36 -9.02 6.57
CA LYS A 233 -16.79 -10.16 7.28
C LYS A 233 -16.43 -11.34 6.37
N HIS A 234 -16.90 -11.29 5.13
CA HIS A 234 -16.61 -12.34 4.16
C HIS A 234 -17.02 -11.91 2.77
N TYR A 235 -16.87 -12.79 1.79
CA TYR A 235 -17.00 -12.45 0.38
C TYR A 235 -18.28 -11.72 0.03
N LEU A 236 -19.41 -12.33 0.36
CA LEU A 236 -20.70 -11.78 -0.02
C LEU A 236 -21.10 -10.64 0.90
N ASP A 237 -20.70 -10.73 2.16
CA ASP A 237 -20.95 -9.66 3.11
C ASP A 237 -20.21 -8.39 2.68
N GLN A 238 -19.03 -8.58 2.09
CA GLN A 238 -18.24 -7.47 1.58
C GLN A 238 -19.02 -6.74 0.49
N LEU A 239 -19.59 -7.52 -0.43
CA LEU A 239 -20.43 -7.00 -1.50
C LEU A 239 -21.65 -6.26 -0.96
N ASN A 240 -22.33 -6.86 0.00
CA ASN A 240 -23.50 -6.24 0.62
C ASN A 240 -23.19 -4.89 1.26
N HIS A 241 -21.98 -4.75 1.80
CA HIS A 241 -21.53 -3.50 2.40
C HIS A 241 -21.35 -2.43 1.34
N ILE A 242 -20.61 -2.78 0.29
CA ILE A 242 -20.38 -1.88 -0.83
C ILE A 242 -21.70 -1.45 -1.44
N LEU A 243 -22.60 -2.41 -1.59
CA LEU A 243 -23.92 -2.15 -2.18
C LEU A 243 -24.84 -1.38 -1.25
N GLY A 244 -24.61 -1.47 0.06
CA GLY A 244 -25.43 -0.75 1.02
C GLY A 244 -25.18 0.74 0.93
N ILE A 245 -23.98 1.10 0.51
CA ILE A 245 -23.58 2.49 0.33
C ILE A 245 -23.93 2.97 -1.07
N LEU A 246 -23.35 2.32 -2.07
CA LEU A 246 -23.51 2.72 -3.46
C LEU A 246 -24.92 2.45 -4.01
N GLY A 247 -25.64 1.52 -3.38
CA GLY A 247 -26.91 1.09 -3.91
C GLY A 247 -26.68 0.01 -4.95
N SER A 248 -27.76 -0.56 -5.47
CA SER A 248 -27.70 -1.58 -6.50
C SER A 248 -27.18 -0.96 -7.80
N PRO A 249 -26.37 -1.71 -8.56
CA PRO A 249 -25.81 -1.20 -9.82
C PRO A 249 -26.89 -0.87 -10.86
N SER A 250 -26.66 0.21 -11.60
CA SER A 250 -27.61 0.85 -12.53
C SER A 250 -27.99 0.01 -13.75
N GLN A 251 -27.42 -1.17 -13.82
CA GLN A 251 -26.97 -1.84 -15.04
C GLN A 251 -25.92 -0.93 -15.68
N GLU A 252 -25.65 -1.12 -16.97
CA GLU A 252 -24.43 -0.57 -17.59
C GLU A 252 -23.17 -0.97 -16.79
N ASP A 253 -23.39 -1.36 -15.53
CA ASP A 253 -22.42 -1.84 -14.58
C ASP A 253 -22.69 -3.33 -14.65
N LEU A 254 -23.93 -3.71 -14.32
CA LEU A 254 -24.48 -4.95 -14.84
C LEU A 254 -24.38 -4.82 -16.35
N ASN A 255 -23.92 -5.90 -17.00
CA ASN A 255 -23.71 -5.96 -18.45
C ASN A 255 -22.39 -5.35 -18.94
N CYS A 256 -21.66 -4.69 -18.03
CA CYS A 256 -20.24 -4.44 -18.28
C CYS A 256 -19.45 -5.54 -17.58
N ILE A 257 -20.18 -6.41 -16.89
CA ILE A 257 -19.60 -7.55 -16.20
C ILE A 257 -19.44 -8.72 -17.15
N ILE A 258 -18.29 -9.37 -17.11
CA ILE A 258 -17.99 -10.48 -18.02
C ILE A 258 -18.52 -11.80 -17.48
N ASN A 259 -18.02 -12.21 -16.31
CA ASN A 259 -18.53 -13.39 -15.64
C ASN A 259 -20.03 -13.21 -15.46
N LEU A 260 -20.80 -14.15 -16.03
CA LEU A 260 -22.25 -14.04 -16.00
C LEU A 260 -22.86 -14.75 -14.80
N LYS A 261 -22.03 -15.53 -14.11
CA LYS A 261 -22.45 -16.20 -12.89
C LYS A 261 -22.67 -15.16 -11.80
N ALA A 262 -21.69 -14.29 -11.57
CA ALA A 262 -22.05 -13.14 -10.77
C ALA A 262 -22.26 -11.99 -11.73
N ARG A 263 -23.49 -11.93 -12.21
CA ARG A 263 -24.20 -10.79 -12.72
C ARG A 263 -25.56 -11.13 -12.16
N ASN A 264 -26.01 -12.31 -12.58
CA ASN A 264 -27.21 -12.95 -12.07
C ASN A 264 -27.22 -13.02 -10.55
N TYR A 265 -26.05 -13.19 -9.93
CA TYR A 265 -26.01 -13.12 -8.47
C TYR A 265 -26.43 -11.72 -8.01
N LEU A 266 -25.92 -10.70 -8.69
CA LEU A 266 -26.30 -9.33 -8.41
C LEU A 266 -27.77 -9.07 -8.74
N LEU A 267 -28.27 -9.69 -9.80
CA LEU A 267 -29.69 -9.59 -10.16
C LEU A 267 -30.56 -10.28 -9.11
N SER A 268 -30.04 -11.38 -8.56
CA SER A 268 -30.75 -12.15 -7.53
C SER A 268 -30.74 -11.42 -6.19
N LEU A 269 -30.01 -10.32 -6.10
CA LEU A 269 -29.93 -9.54 -4.88
C LEU A 269 -31.10 -8.56 -4.76
N PRO A 270 -31.63 -8.38 -3.54
CA PRO A 270 -32.70 -7.41 -3.30
C PRO A 270 -32.19 -6.00 -3.57
N HIS A 271 -33.09 -5.09 -3.91
CA HIS A 271 -32.69 -3.74 -4.23
C HIS A 271 -32.13 -3.02 -3.01
N LYS A 272 -31.15 -2.15 -3.24
CA LYS A 272 -30.58 -1.33 -2.19
C LYS A 272 -30.51 0.12 -2.66
N ASN A 273 -30.74 1.06 -1.76
CA ASN A 273 -30.65 2.48 -2.12
C ASN A 273 -29.26 3.06 -1.89
N LYS A 274 -28.83 3.91 -2.82
CA LYS A 274 -27.58 4.63 -2.68
C LYS A 274 -27.66 5.59 -1.49
N VAL A 275 -26.66 5.56 -0.62
CA VAL A 275 -26.58 6.50 0.48
C VAL A 275 -25.73 7.69 0.05
N PRO A 276 -26.31 8.90 0.04
CA PRO A 276 -25.59 10.08 -0.44
C PRO A 276 -24.37 10.38 0.44
N TRP A 277 -23.25 10.69 -0.19
CA TRP A 277 -21.98 10.87 0.51
C TRP A 277 -21.99 11.97 1.55
N ASN A 278 -23.01 12.83 1.52
CA ASN A 278 -23.17 13.88 2.53
C ASN A 278 -23.86 13.41 3.82
N ARG A 279 -24.67 12.36 3.73
CA ARG A 279 -25.29 11.77 4.92
C ARG A 279 -24.24 11.02 5.74
N LEU A 280 -23.49 10.15 5.08
CA LEU A 280 -22.21 9.72 5.60
C LEU A 280 -21.33 10.95 5.51
N PHE A 281 -20.26 11.01 6.29
CA PHE A 281 -19.31 12.12 6.21
C PHE A 281 -19.93 13.52 6.18
N PRO A 282 -20.79 13.85 7.16
CA PRO A 282 -21.44 15.16 7.13
C PRO A 282 -20.47 16.33 7.38
N ASN A 283 -19.31 16.01 7.96
CA ASN A 283 -18.31 17.01 8.30
C ASN A 283 -17.22 17.19 7.25
N ALA A 284 -17.40 16.54 6.10
CA ALA A 284 -16.36 16.46 5.07
C ALA A 284 -16.44 17.57 4.03
N ASP A 285 -15.27 17.96 3.52
CA ASP A 285 -15.15 18.89 2.39
C ASP A 285 -16.01 18.40 1.23
N SER A 286 -16.69 19.34 0.56
CA SER A 286 -17.50 19.02 -0.61
C SER A 286 -16.62 18.53 -1.74
N LYS A 287 -15.47 19.19 -1.91
CA LYS A 287 -14.52 18.78 -2.94
C LYS A 287 -14.00 17.38 -2.67
N ALA A 288 -13.77 17.07 -1.39
CA ALA A 288 -13.31 15.73 -1.01
C ALA A 288 -14.37 14.67 -1.33
N LEU A 289 -15.61 14.96 -1.01
CA LEU A 289 -16.70 14.04 -1.25
C LEU A 289 -16.90 13.81 -2.75
N ASP A 290 -16.70 14.84 -3.55
CA ASP A 290 -16.83 14.72 -4.99
C ASP A 290 -15.76 13.80 -5.58
N LEU A 291 -14.55 13.92 -5.05
CA LEU A 291 -13.45 13.08 -5.50
C LEU A 291 -13.65 11.66 -4.96
N LEU A 292 -14.15 11.56 -3.73
CA LEU A 292 -14.46 10.27 -3.13
C LEU A 292 -15.43 9.52 -4.03
N ASP A 293 -16.42 10.24 -4.54
CA ASP A 293 -17.42 9.67 -5.42
C ASP A 293 -16.81 9.05 -6.68
N LYS A 294 -15.79 9.71 -7.23
CA LYS A 294 -15.18 9.28 -8.48
C LYS A 294 -14.15 8.15 -8.32
N MET A 295 -13.63 7.98 -7.11
CA MET A 295 -12.76 6.85 -6.81
C MET A 295 -13.60 5.62 -6.50
N LEU A 296 -14.74 5.85 -5.87
CA LEU A 296 -15.60 4.79 -5.39
C LEU A 296 -16.71 4.33 -6.35
N THR A 297 -16.65 4.78 -7.60
CA THR A 297 -17.60 4.30 -8.61
C THR A 297 -17.51 2.79 -8.81
N PHE A 298 -18.66 2.15 -8.90
CA PHE A 298 -18.77 0.69 -9.03
C PHE A 298 -18.13 0.15 -10.32
N ASN A 299 -18.32 0.87 -11.42
CA ASN A 299 -17.73 0.45 -12.69
C ASN A 299 -16.30 0.95 -12.84
N PRO A 300 -15.35 0.02 -13.06
CA PRO A 300 -13.93 0.31 -13.18
C PRO A 300 -13.61 1.25 -14.34
N HIS A 301 -14.38 1.15 -15.42
CA HIS A 301 -14.12 1.98 -16.61
C HIS A 301 -14.48 3.45 -16.36
N LYS A 302 -15.50 3.67 -15.54
CA LYS A 302 -15.93 5.03 -15.22
C LYS A 302 -15.11 5.62 -14.06
N ARG A 303 -14.37 4.76 -13.35
CA ARG A 303 -13.63 5.16 -12.17
C ARG A 303 -12.47 6.08 -12.55
N ILE A 304 -12.20 7.06 -11.70
CA ILE A 304 -11.21 8.09 -12.01
C ILE A 304 -9.77 7.58 -11.98
N GLU A 305 -8.99 7.98 -12.99
CA GLU A 305 -7.58 7.61 -13.11
C GLU A 305 -6.68 8.44 -12.18
N VAL A 306 -5.48 7.96 -11.94
CA VAL A 306 -4.57 8.59 -10.97
C VAL A 306 -4.21 10.04 -11.30
N GLU A 307 -3.97 10.34 -12.58
CA GLU A 307 -3.54 11.68 -12.96
C GLU A 307 -4.70 12.65 -12.98
N GLN A 308 -5.90 12.14 -13.22
CA GLN A 308 -7.11 12.95 -13.16
C GLN A 308 -7.42 13.29 -11.71
N ALA A 309 -7.17 12.33 -10.82
CA ALA A 309 -7.44 12.50 -9.39
C ALA A 309 -6.54 13.59 -8.80
N LEU A 310 -5.28 13.58 -9.21
CA LEU A 310 -4.34 14.63 -8.80
C LEU A 310 -4.82 16.00 -9.27
N ALA A 311 -5.49 16.02 -10.42
CA ALA A 311 -5.95 17.26 -11.02
C ALA A 311 -7.31 17.71 -10.49
N HIS A 312 -7.91 16.93 -9.60
CA HIS A 312 -9.19 17.30 -9.00
C HIS A 312 -9.04 18.55 -8.12
N PRO A 313 -10.06 19.41 -8.12
CA PRO A 313 -10.05 20.66 -7.34
C PRO A 313 -9.77 20.48 -5.84
N TYR A 314 -10.03 19.29 -5.30
CA TYR A 314 -9.73 19.03 -3.89
C TYR A 314 -8.23 19.10 -3.64
N LEU A 315 -7.45 18.74 -4.66
CA LEU A 315 -5.99 18.76 -4.59
C LEU A 315 -5.30 19.97 -5.24
N ALA A 316 -6.08 20.93 -5.74
CA ALA A 316 -5.55 22.09 -6.46
C ALA A 316 -4.41 22.81 -5.73
N GLN A 317 -4.50 22.83 -4.41
CA GLN A 317 -3.49 23.45 -3.56
C GLN A 317 -2.12 22.82 -3.75
N TYR A 318 -2.08 21.49 -3.76
CA TYR A 318 -0.82 20.75 -3.92
C TYR A 318 -0.49 20.30 -5.34
N TYR A 319 -1.42 20.45 -6.28
CA TYR A 319 -1.21 19.85 -7.60
C TYR A 319 -0.13 20.59 -8.40
N ASP A 320 0.94 19.85 -8.72
CA ASP A 320 2.04 20.33 -9.56
C ASP A 320 2.65 19.23 -10.41
N PRO A 321 2.12 19.00 -11.62
CA PRO A 321 2.59 17.91 -12.47
C PRO A 321 4.08 17.97 -12.82
N SER A 322 4.74 19.11 -12.64
CA SER A 322 6.18 19.20 -12.91
C SER A 322 7.00 18.58 -11.78
N ASP A 323 6.46 18.65 -10.56
CA ASP A 323 7.06 18.02 -9.38
C ASP A 323 6.47 16.64 -9.04
N GLU A 324 5.72 16.05 -9.95
CA GLU A 324 5.13 14.74 -9.71
C GLU A 324 5.76 13.73 -10.66
N PRO A 325 6.94 13.20 -10.28
CA PRO A 325 7.82 12.36 -11.10
C PRO A 325 7.22 11.03 -11.55
N ILE A 326 7.74 10.54 -12.67
CA ILE A 326 7.22 9.37 -13.34
C ILE A 326 8.33 8.31 -13.39
N ALA A 327 7.96 7.04 -13.53
CA ALA A 327 8.97 5.99 -13.68
C ALA A 327 9.65 6.07 -15.05
N GLU A 328 10.96 5.80 -15.07
CA GLU A 328 11.75 5.98 -16.29
C GLU A 328 11.34 4.99 -17.39
N ALA A 329 10.90 3.81 -16.98
CA ALA A 329 10.42 2.80 -17.90
C ALA A 329 9.45 1.91 -17.13
N PRO A 330 8.78 0.98 -17.82
CA PRO A 330 7.94 0.04 -17.07
C PRO A 330 8.78 -0.97 -16.27
N PHE A 331 8.24 -1.42 -15.14
CA PHE A 331 8.91 -2.45 -14.35
C PHE A 331 8.68 -3.81 -14.99
N LYS A 332 9.68 -4.68 -14.91
CA LYS A 332 9.55 -5.98 -15.55
C LYS A 332 9.46 -7.15 -14.57
N PHE A 333 8.26 -7.73 -14.48
CA PHE A 333 8.11 -9.09 -14.03
C PHE A 333 7.61 -9.82 -15.25
N ASP A 334 8.46 -10.55 -15.95
CA ASP A 334 7.96 -11.56 -16.88
C ASP A 334 8.13 -12.92 -16.23
N MET A 335 8.79 -12.92 -15.08
CA MET A 335 9.18 -14.18 -14.44
C MET A 335 7.98 -14.89 -13.84
N GLU A 336 8.14 -16.19 -13.65
CA GLU A 336 7.09 -17.06 -13.16
C GLU A 336 6.57 -16.62 -11.79
N LEU A 337 5.26 -16.48 -11.70
CA LEU A 337 4.63 -15.83 -10.55
C LEU A 337 4.42 -16.71 -9.33
N ASP A 338 3.35 -17.51 -9.36
CA ASP A 338 2.95 -18.32 -8.21
C ASP A 338 3.37 -19.77 -8.34
N ASP A 339 3.95 -20.12 -9.48
CA ASP A 339 4.27 -21.51 -9.81
C ASP A 339 5.58 -22.03 -9.21
N LEU A 340 6.57 -21.14 -9.09
CA LEU A 340 7.93 -21.53 -8.73
C LEU A 340 8.05 -22.22 -7.37
N PRO A 341 8.88 -23.27 -7.30
CA PRO A 341 9.15 -24.00 -6.06
C PRO A 341 9.90 -23.10 -5.10
N LYS A 342 9.62 -23.20 -3.81
CA LYS A 342 10.21 -22.30 -2.83
C LYS A 342 11.74 -22.43 -2.73
N GLU A 343 12.28 -23.57 -3.11
CA GLU A 343 13.74 -23.75 -3.15
C GLU A 343 14.35 -22.83 -4.20
N LYS A 344 13.69 -22.75 -5.36
CA LYS A 344 14.14 -21.89 -6.44
C LYS A 344 14.01 -20.44 -6.03
N LEU A 345 12.88 -20.10 -5.42
CA LEU A 345 12.64 -18.75 -4.93
C LEU A 345 13.71 -18.34 -3.92
N LYS A 346 14.11 -19.28 -3.07
CA LYS A 346 15.19 -19.03 -2.12
C LYS A 346 16.50 -18.71 -2.85
N GLU A 347 16.75 -19.39 -3.97
CA GLU A 347 17.91 -19.09 -4.79
C GLU A 347 17.84 -17.68 -5.36
N LEU A 348 16.67 -17.33 -5.89
CA LEU A 348 16.42 -15.99 -6.43
C LEU A 348 16.56 -14.87 -5.40
N ILE A 349 16.05 -15.13 -4.19
CA ILE A 349 16.17 -14.17 -3.10
C ILE A 349 17.64 -14.02 -2.69
N PHE A 350 18.39 -15.12 -2.75
CA PHE A 350 19.81 -15.09 -2.44
C PHE A 350 20.58 -14.30 -3.49
N GLU A 351 20.13 -14.36 -4.73
CA GLU A 351 20.79 -13.65 -5.81
C GLU A 351 20.45 -12.16 -5.77
N GLU A 352 19.20 -11.86 -5.47
CA GLU A 352 18.69 -10.50 -5.47
C GLU A 352 19.34 -9.68 -4.36
N THR A 353 19.66 -10.33 -3.24
CA THR A 353 20.23 -9.65 -2.09
C THR A 353 21.76 -9.63 -2.11
N ALA A 354 22.36 -10.15 -3.17
CA ALA A 354 23.81 -10.31 -3.24
C ALA A 354 24.57 -8.98 -3.35
N ARG A 355 23.89 -7.96 -3.85
CA ARG A 355 24.51 -6.66 -4.08
C ARG A 355 24.80 -5.94 -2.77
N PHE A 356 24.19 -6.44 -1.70
CA PHE A 356 24.39 -5.89 -0.36
C PHE A 356 25.47 -6.64 0.40
N GLN A 357 26.15 -7.54 -0.30
CA GLN A 357 27.11 -8.41 0.34
C GLN A 357 28.51 -7.97 -0.10
N PRO A 358 29.51 -8.17 0.78
CA PRO A 358 30.88 -7.86 0.37
C PRO A 358 31.41 -8.84 -0.68
N GLY A 359 32.14 -8.33 -1.68
CA GLY A 359 32.71 -9.17 -2.71
C GLY A 359 31.85 -9.35 -3.95
N TYR A 360 30.68 -8.72 -3.94
CA TYR A 360 29.75 -8.81 -5.07
C TYR A 360 30.34 -8.21 -6.33
N PRO B 1 1.33 9.46 17.65
CA PRO B 1 1.95 10.76 17.91
C PRO B 1 1.03 11.92 17.50
N GLN B 2 1.50 13.15 17.68
CA GLN B 2 0.73 14.32 17.27
C GLN B 2 1.32 14.94 16.01
N LEU B 3 0.46 15.38 15.11
CA LEU B 3 0.89 15.90 13.82
C LEU B 3 1.35 17.35 13.92
N LYS B 4 2.52 17.63 13.36
CA LYS B 4 3.00 18.99 13.25
C LYS B 4 2.22 19.67 12.12
N PRO B 5 2.44 20.98 11.92
CA PRO B 5 1.82 21.61 10.75
C PRO B 5 2.25 20.96 9.45
N ILE B 6 1.45 21.13 8.41
CA ILE B 6 1.74 20.57 7.10
C ILE B 6 3.03 21.19 6.55
N GLU B 7 3.31 22.42 6.97
CA GLU B 7 4.48 23.15 6.50
C GLU B 7 5.81 22.54 6.97
N SER B 8 5.76 21.64 7.95
CA SER B 8 6.96 20.94 8.39
C SER B 8 7.42 19.97 7.28
N SER B 9 6.49 19.56 6.45
CA SER B 9 6.81 18.67 5.33
C SER B 9 7.48 19.44 4.22
N ILE B 10 8.56 18.86 3.68
CA ILE B 10 9.40 19.54 2.70
C ILE B 10 8.66 19.72 1.37
N LEU B 11 7.99 18.66 0.93
CA LEU B 11 7.18 18.69 -0.29
C LEU B 11 6.08 19.74 -0.19
N ALA B 12 5.53 19.89 1.00
CA ALA B 12 4.50 20.89 1.24
C ALA B 12 5.09 22.30 1.16
N GLN B 13 6.36 22.43 1.55
CA GLN B 13 7.07 23.71 1.47
C GLN B 13 7.27 24.13 0.03
N ARG B 14 7.45 23.14 -0.85
CA ARG B 14 7.61 23.43 -2.27
C ARG B 14 6.26 23.78 -2.90
N ARG B 15 5.19 23.45 -2.18
CA ARG B 15 3.84 23.83 -2.62
C ARG B 15 3.50 25.28 -2.27
N VAL B 16 3.94 25.74 -1.11
CA VAL B 16 3.65 27.10 -0.66
C VAL B 16 4.36 28.13 -1.55
N ARG B 17 5.30 27.64 -2.35
CA ARG B 17 6.00 28.48 -3.33
C ARG B 17 5.64 28.04 -4.75
PG ANP C . 1.24 -4.66 7.18
O1G ANP C . 1.20 -5.13 8.61
O2G ANP C . 0.92 -3.13 7.07
O3G ANP C . 0.17 -5.45 6.25
PB ANP C . 3.28 -6.49 7.04
O1B ANP C . 4.26 -6.77 5.81
O2B ANP C . 2.19 -7.56 7.46
N3B ANP C . 2.74 -4.90 6.52
PA ANP C . 4.94 -4.59 8.11
O1A ANP C . 4.92 -3.86 6.74
O2A ANP C . 6.36 -4.74 8.55
O3A ANP C . 4.40 -6.05 8.07
O5' ANP C . 4.20 -3.77 9.23
C5' ANP C . 4.35 -4.13 10.60
C4' ANP C . 4.74 -3.11 11.57
O4' ANP C . 5.96 -2.57 11.22
C3' ANP C . 3.76 -2.00 11.57
O3' ANP C . 3.46 -1.61 12.87
C2' ANP C . 4.36 -0.94 10.83
O2' ANP C . 4.00 0.30 11.32
C1' ANP C . 5.79 -1.18 11.00
N9 ANP C . 6.73 -0.69 9.97
C8 ANP C . 6.96 -1.25 8.77
N7 ANP C . 7.87 -0.53 8.12
C5 ANP C . 8.24 0.53 8.90
C6 ANP C . 9.13 1.60 8.77
N6 ANP C . 9.91 1.75 7.57
N1 ANP C . 9.27 2.50 9.75
C2 ANP C . 8.56 2.37 10.87
N3 ANP C . 7.69 1.35 11.05
C4 ANP C . 7.51 0.43 10.09
#